data_6OS1
#
_entry.id   6OS1
#
_cell.length_a   60.670
_cell.length_b   101.990
_cell.length_c   227.590
_cell.angle_alpha   90.000
_cell.angle_beta   90.000
_cell.angle_gamma   90.000
#
_symmetry.space_group_name_H-M   'I 2 2 2'
#
loop_
_entity.id
_entity.type
_entity.pdbx_description
1 polymer 'Type-1 angiotensin II receptor,Soluble cytochrome b562 BRIL fusion protein'
2 polymer 'Nanobody Nb.AT110i1_le'
3 polymer 'TRV023 peptide'
4 non-polymer '(2R)-2,3-dihydroxypropyl (9Z)-octadec-9-enoate'
5 non-polymer CHOLESTEROL
6 water water
#
loop_
_entity_poly.entity_id
_entity_poly.type
_entity_poly.pdbx_seq_one_letter_code
_entity_poly.pdbx_strand_id
1 'polypeptide(L)'
;DYKDDDDKILNSSTEDGIKRIQDDCPKAGRHNYIFVMIPTLYSIIFVVGIFGNSLVVIVIYFYMKLKTVASVFLLNLALA
DLCFLLTLPLWAVYTAMEYRWPFGNYLCKIASASVSFNLYASVFLLTCLSIDRYLAIVHPMKSRLRRTMLVAKVTCIIIW
LLAGLASLPAIIHRNVFFIENTNITVCAFHYESQNSTLPIGLGLTKNILGFLFPFLIILTSYTLIWKALKKAYDLEDNWE
TLNDNLKVIEKADNAAQVKDALTKMRAAALDAQKATPPKLEDKSPDSPEMKDFRHGFDILVGQIDDALKLANEGKVKEAQ
AAAEQLKTTRNAEIQKNKPRNDDIFKIIMAIVLFFFFSWIPHQIFTFLDVLIQLGIIRDCRIADIVDTAMPITICIAYFN
NCLNPLFYGFLGKKFKRYFLQLLKY
;
A
2 'polypeptide(L)'
;QVQLQESGGGLVAAGGSLRLSCAASGNIFDVDIMGWYRQAPGKERELVASITDGGSTNYADSVKGRFTISRDNAKNTVYL
AMASLKPEDTAVYYCAAVAYPDIPTYFDYDSDNFYWGQGTQVTVSSLE
;
D
3 'polypeptide(L)' (SAR)RVYKHPA B
#
# COMPACT_ATOMS: atom_id res chain seq x y z
N ILE A 18 27.06 -9.71 -38.24
CA ILE A 18 26.95 -8.88 -37.04
C ILE A 18 28.24 -8.10 -36.82
N LYS A 19 28.38 -7.51 -35.65
CA LYS A 19 29.53 -6.68 -35.31
C LYS A 19 30.57 -7.50 -34.55
N ARG A 20 31.84 -7.26 -34.85
CA ARG A 20 32.96 -7.91 -34.17
C ARG A 20 33.63 -6.91 -33.25
N ILE A 21 33.67 -7.22 -31.95
CA ILE A 21 34.19 -6.31 -30.95
C ILE A 21 35.29 -7.02 -30.15
N GLN A 22 35.97 -6.24 -29.31
CA GLN A 22 37.02 -6.73 -28.43
C GLN A 22 36.61 -6.50 -26.98
N ASP A 23 36.78 -7.51 -26.15
CA ASP A 23 36.44 -7.42 -24.74
C ASP A 23 37.69 -7.04 -23.94
N ASP A 24 37.57 -5.99 -23.12
CA ASP A 24 38.71 -5.54 -22.34
C ASP A 24 39.12 -6.59 -21.32
N CYS A 25 38.16 -7.06 -20.51
CA CYS A 25 38.40 -8.11 -19.51
C CYS A 25 37.65 -9.35 -19.95
N PRO A 26 38.25 -10.23 -20.76
CA PRO A 26 37.50 -11.39 -21.27
C PRO A 26 37.24 -12.45 -20.22
N LYS A 27 38.07 -12.54 -19.18
CA LYS A 27 37.92 -13.55 -18.14
C LYS A 27 37.01 -13.10 -17.00
N ALA A 28 36.41 -11.92 -17.10
CA ALA A 28 35.58 -11.39 -16.03
C ALA A 28 34.23 -12.07 -16.03
N GLY A 29 33.87 -12.70 -14.91
CA GLY A 29 32.57 -13.30 -14.74
C GLY A 29 32.39 -14.67 -15.36
N ARG A 30 33.45 -15.24 -15.95
CA ARG A 30 33.36 -16.54 -16.60
C ARG A 30 33.86 -17.60 -15.62
N HIS A 31 32.95 -18.09 -14.78
CA HIS A 31 33.27 -19.09 -13.76
C HIS A 31 32.33 -20.28 -13.93
N ASN A 32 32.89 -21.49 -13.72
CA ASN A 32 32.10 -22.70 -13.93
C ASN A 32 30.98 -22.84 -12.91
N TYR A 33 31.21 -22.40 -11.66
CA TYR A 33 30.15 -22.49 -10.66
C TYR A 33 29.00 -21.55 -10.96
N ILE A 34 29.24 -20.50 -11.75
CA ILE A 34 28.14 -19.63 -12.19
C ILE A 34 27.35 -20.29 -13.31
N PHE A 35 28.04 -20.90 -14.27
CA PHE A 35 27.38 -21.55 -15.40
C PHE A 35 26.58 -22.78 -14.99
N VAL A 36 26.74 -23.26 -13.76
CA VAL A 36 26.01 -24.43 -13.29
C VAL A 36 24.92 -24.05 -12.30
N MET A 37 25.20 -23.09 -11.41
CA MET A 37 24.23 -22.74 -10.37
C MET A 37 23.19 -21.75 -10.86
N ILE A 38 23.60 -20.74 -11.63
CA ILE A 38 22.67 -19.70 -12.07
C ILE A 38 21.55 -20.27 -12.94
N PRO A 39 21.80 -21.13 -13.92
CA PRO A 39 20.68 -21.74 -14.66
C PRO A 39 19.74 -22.54 -13.77
N THR A 40 20.25 -23.18 -12.72
CA THR A 40 19.39 -23.89 -11.79
C THR A 40 18.48 -22.94 -11.04
N LEU A 41 19.02 -21.78 -10.63
CA LEU A 41 18.20 -20.79 -9.93
C LEU A 41 17.11 -20.22 -10.84
N TYR A 42 17.44 -19.98 -12.11
CA TYR A 42 16.43 -19.50 -13.04
C TYR A 42 15.32 -20.52 -13.24
N SER A 43 15.62 -21.80 -13.07
CA SER A 43 14.59 -22.84 -13.14
C SER A 43 13.68 -22.79 -11.92
N ILE A 44 14.26 -22.55 -10.74
CA ILE A 44 13.46 -22.46 -9.53
C ILE A 44 12.55 -21.24 -9.58
N ILE A 45 13.07 -20.10 -10.07
CA ILE A 45 12.26 -18.91 -10.21
C ILE A 45 11.15 -19.14 -11.23
N PHE A 46 11.45 -19.91 -12.28
CA PHE A 46 10.47 -20.14 -13.34
C PHE A 46 9.28 -20.96 -12.83
N VAL A 47 9.56 -22.09 -12.20
CA VAL A 47 8.49 -22.97 -11.73
C VAL A 47 7.66 -22.29 -10.64
N VAL A 48 8.34 -21.69 -9.67
CA VAL A 48 7.64 -21.01 -8.58
C VAL A 48 6.92 -19.77 -9.09
N GLY A 49 7.54 -19.05 -10.01
CA GLY A 49 6.91 -17.83 -10.53
C GLY A 49 5.68 -18.12 -11.37
N ILE A 50 5.77 -19.12 -12.26
CA ILE A 50 4.61 -19.47 -13.08
C ILE A 50 3.49 -20.05 -12.20
N PHE A 51 3.86 -20.81 -11.17
CA PHE A 51 2.86 -21.38 -10.28
C PHE A 51 2.15 -20.29 -9.47
N GLY A 52 2.93 -19.44 -8.80
CA GLY A 52 2.34 -18.47 -7.90
C GLY A 52 1.56 -17.38 -8.62
N ASN A 53 2.17 -16.79 -9.65
CA ASN A 53 1.54 -15.67 -10.34
C ASN A 53 0.34 -16.09 -11.16
N SER A 54 0.24 -17.36 -11.57
CA SER A 54 -0.93 -17.81 -12.30
C SER A 54 -2.14 -17.91 -11.38
N LEU A 55 -1.96 -18.45 -10.18
CA LEU A 55 -3.06 -18.56 -9.23
C LEU A 55 -3.57 -17.19 -8.80
N VAL A 56 -2.68 -16.19 -8.73
CA VAL A 56 -3.10 -14.84 -8.37
C VAL A 56 -4.06 -14.29 -9.43
N VAL A 57 -3.78 -14.56 -10.70
CA VAL A 57 -4.66 -14.10 -11.77
C VAL A 57 -5.98 -14.87 -11.75
N ILE A 58 -5.91 -16.16 -11.45
CA ILE A 58 -7.12 -16.99 -11.46
C ILE A 58 -8.07 -16.57 -10.33
N VAL A 59 -7.52 -16.23 -9.16
CA VAL A 59 -8.37 -15.87 -8.03
C VAL A 59 -8.93 -14.46 -8.20
N ILE A 60 -8.13 -13.53 -8.69
CA ILE A 60 -8.56 -12.13 -8.75
C ILE A 60 -9.52 -11.92 -9.92
N TYR A 61 -9.08 -12.27 -11.13
CA TYR A 61 -9.85 -11.94 -12.32
C TYR A 61 -11.08 -12.82 -12.53
N PHE A 62 -11.08 -14.04 -11.97
CA PHE A 62 -12.16 -14.98 -12.21
C PHE A 62 -13.04 -15.23 -10.99
N TYR A 63 -12.51 -15.07 -9.78
CA TYR A 63 -13.29 -15.30 -8.57
C TYR A 63 -13.65 -14.01 -7.82
N MET A 64 -13.08 -12.87 -8.20
CA MET A 64 -13.41 -11.60 -7.59
C MET A 64 -13.86 -10.53 -8.58
N LYS A 65 -13.49 -10.65 -9.86
CA LYS A 65 -14.03 -9.81 -10.93
C LYS A 65 -13.62 -8.34 -10.77
N LEU A 66 -12.53 -8.09 -10.04
CA LEU A 66 -11.95 -6.76 -9.90
C LEU A 66 -12.97 -5.74 -9.37
N LYS A 67 -13.08 -5.62 -8.05
CA LYS A 67 -14.04 -4.71 -7.45
C LYS A 67 -13.40 -3.53 -6.73
N THR A 68 -12.08 -3.52 -6.58
CA THR A 68 -11.39 -2.47 -5.86
C THR A 68 -10.20 -1.97 -6.69
N VAL A 69 -9.60 -0.87 -6.21
CA VAL A 69 -8.44 -0.31 -6.90
C VAL A 69 -7.21 -1.19 -6.68
N ALA A 70 -7.06 -1.73 -5.47
CA ALA A 70 -5.89 -2.57 -5.18
C ALA A 70 -5.92 -3.86 -5.99
N SER A 71 -7.10 -4.34 -6.37
CA SER A 71 -7.19 -5.55 -7.17
C SER A 71 -6.68 -5.32 -8.60
N VAL A 72 -6.86 -4.11 -9.13
CA VAL A 72 -6.35 -3.80 -10.46
C VAL A 72 -4.84 -3.77 -10.46
N PHE A 73 -4.23 -3.19 -9.43
CA PHE A 73 -2.78 -3.16 -9.33
C PHE A 73 -2.21 -4.56 -9.11
N LEU A 74 -2.85 -5.35 -8.25
CA LEU A 74 -2.36 -6.69 -7.98
C LEU A 74 -2.53 -7.61 -9.18
N LEU A 75 -3.52 -7.35 -10.03
CA LEU A 75 -3.68 -8.14 -11.24
C LEU A 75 -2.55 -7.83 -12.23
N ASN A 76 -2.32 -6.55 -12.50
CA ASN A 76 -1.24 -6.16 -13.41
C ASN A 76 0.13 -6.45 -12.83
N LEU A 77 0.26 -6.57 -11.50
CA LEU A 77 1.53 -6.94 -10.91
C LEU A 77 1.88 -8.40 -11.22
N ALA A 78 0.87 -9.26 -11.30
CA ALA A 78 1.11 -10.66 -11.66
C ALA A 78 1.24 -10.86 -13.16
N LEU A 79 0.51 -10.07 -13.96
CA LEU A 79 0.65 -10.16 -15.41
C LEU A 79 2.01 -9.70 -15.88
N ALA A 80 2.56 -8.65 -15.25
CA ALA A 80 3.89 -8.17 -15.63
C ALA A 80 4.95 -9.20 -15.27
N ASP A 81 4.79 -9.91 -14.15
CA ASP A 81 5.76 -10.93 -13.77
C ASP A 81 5.72 -12.12 -14.71
N LEU A 82 4.54 -12.46 -15.24
CA LEU A 82 4.44 -13.59 -16.16
C LEU A 82 5.14 -13.30 -17.47
N CYS A 83 5.10 -12.06 -17.94
CA CYS A 83 5.79 -11.70 -19.18
C CYS A 83 7.29 -11.82 -19.02
N PHE A 84 7.82 -11.46 -17.84
CA PHE A 84 9.25 -11.62 -17.59
C PHE A 84 9.64 -13.08 -17.50
N LEU A 85 8.77 -13.92 -16.92
CA LEU A 85 9.08 -15.35 -16.79
C LEU A 85 9.09 -16.06 -18.12
N LEU A 86 8.43 -15.52 -19.15
CA LEU A 86 8.45 -16.16 -20.46
C LEU A 86 9.82 -16.08 -21.10
N THR A 87 10.56 -14.99 -20.86
CA THR A 87 11.92 -14.85 -21.35
C THR A 87 12.95 -15.50 -20.43
N LEU A 88 12.53 -15.99 -19.27
CA LEU A 88 13.48 -16.58 -18.33
C LEU A 88 14.15 -17.85 -18.85
N PRO A 89 13.46 -18.78 -19.53
CA PRO A 89 14.19 -19.94 -20.07
C PRO A 89 15.25 -19.57 -21.09
N LEU A 90 15.11 -18.42 -21.76
CA LEU A 90 16.14 -17.98 -22.69
C LEU A 90 17.43 -17.63 -21.96
N TRP A 91 17.34 -16.92 -20.84
CA TRP A 91 18.52 -16.58 -20.07
C TRP A 91 19.10 -17.77 -19.34
N ALA A 92 18.28 -18.79 -19.05
CA ALA A 92 18.78 -19.98 -18.36
C ALA A 92 19.76 -20.76 -19.22
N VAL A 93 19.34 -21.13 -20.43
CA VAL A 93 20.23 -21.84 -21.35
C VAL A 93 21.34 -20.94 -21.86
N TYR A 94 21.13 -19.61 -21.84
CA TYR A 94 22.19 -18.69 -22.24
C TYR A 94 23.34 -18.73 -21.23
N THR A 95 23.02 -18.65 -19.94
CA THR A 95 24.06 -18.76 -18.91
C THR A 95 24.60 -20.18 -18.83
N ALA A 96 23.80 -21.18 -19.20
CA ALA A 96 24.26 -22.56 -19.13
C ALA A 96 25.34 -22.84 -20.16
N MET A 97 25.24 -22.25 -21.35
CA MET A 97 26.22 -22.42 -22.40
C MET A 97 27.38 -21.44 -22.30
N GLU A 98 27.71 -20.99 -21.08
CA GLU A 98 28.84 -20.09 -20.83
C GLU A 98 28.69 -18.79 -21.62
N TYR A 99 27.50 -18.17 -21.49
CA TYR A 99 27.17 -16.91 -22.14
C TYR A 99 27.31 -17.02 -23.67
N ARG A 100 26.40 -17.79 -24.26
CA ARG A 100 26.32 -17.94 -25.71
C ARG A 100 24.87 -17.77 -26.14
N TRP A 101 24.63 -16.87 -27.10
CA TRP A 101 23.28 -16.51 -27.50
C TRP A 101 22.96 -17.07 -28.87
N PRO A 102 22.12 -18.09 -28.98
CA PRO A 102 21.75 -18.66 -30.29
C PRO A 102 20.38 -18.23 -30.81
N PHE A 103 19.68 -17.31 -30.14
CA PHE A 103 18.30 -17.01 -30.46
C PHE A 103 18.15 -15.82 -31.41
N GLY A 104 19.25 -15.26 -31.92
CA GLY A 104 19.18 -14.19 -32.89
C GLY A 104 19.10 -12.82 -32.24
N ASN A 105 19.21 -11.80 -33.10
CA ASN A 105 19.22 -10.41 -32.64
C ASN A 105 17.83 -9.88 -32.32
N TYR A 106 16.78 -10.49 -32.88
CA TYR A 106 15.42 -10.04 -32.57
C TYR A 106 14.96 -10.53 -31.20
N LEU A 107 15.32 -11.76 -30.84
CA LEU A 107 14.87 -12.32 -29.57
C LEU A 107 15.62 -11.75 -28.37
N CYS A 108 16.78 -11.12 -28.59
N CYS A 108 16.77 -11.10 -28.59
CA CYS A 108 17.49 -10.51 -27.47
CA CYS A 108 17.50 -10.51 -27.48
C CYS A 108 16.91 -9.15 -27.13
C CYS A 108 16.97 -9.12 -27.14
N LYS A 109 16.53 -8.36 -28.15
CA LYS A 109 15.95 -7.05 -27.89
C LYS A 109 14.62 -7.17 -27.15
N ILE A 110 13.87 -8.24 -27.40
CA ILE A 110 12.63 -8.47 -26.66
C ILE A 110 12.94 -8.96 -25.26
N ALA A 111 13.89 -9.88 -25.13
CA ALA A 111 14.21 -10.45 -23.82
C ALA A 111 14.82 -9.41 -22.90
N SER A 112 15.78 -8.63 -23.40
CA SER A 112 16.40 -7.60 -22.56
C SER A 112 15.42 -6.49 -22.22
N ALA A 113 14.48 -6.19 -23.11
CA ALA A 113 13.46 -5.20 -22.80
C ALA A 113 12.46 -5.74 -21.79
N SER A 114 12.13 -7.03 -21.89
CA SER A 114 11.16 -7.62 -20.97
C SER A 114 11.67 -7.59 -19.53
N VAL A 115 12.98 -7.70 -19.34
CA VAL A 115 13.53 -7.64 -17.98
C VAL A 115 13.54 -6.21 -17.47
N SER A 116 13.93 -5.25 -18.33
CA SER A 116 13.91 -3.86 -17.92
C SER A 116 12.49 -3.34 -17.75
N PHE A 117 11.57 -3.79 -18.61
CA PHE A 117 10.18 -3.38 -18.50
C PHE A 117 9.58 -3.85 -17.17
N ASN A 118 9.83 -5.11 -16.80
CA ASN A 118 9.28 -5.65 -15.56
C ASN A 118 9.87 -4.95 -14.33
N LEU A 119 11.12 -4.50 -14.42
CA LEU A 119 11.73 -3.80 -13.28
C LEU A 119 10.99 -2.50 -12.99
N TYR A 120 10.81 -1.66 -14.01
CA TYR A 120 10.13 -0.39 -13.81
C TYR A 120 8.64 -0.59 -13.52
N ALA A 121 8.01 -1.55 -14.20
CA ALA A 121 6.58 -1.75 -14.06
C ALA A 121 6.23 -2.27 -12.65
N SER A 122 6.94 -3.30 -12.20
CA SER A 122 6.62 -3.88 -10.89
C SER A 122 6.88 -2.89 -9.76
N VAL A 123 7.91 -2.05 -9.92
CA VAL A 123 8.23 -1.08 -8.88
C VAL A 123 7.26 0.10 -8.91
N PHE A 124 6.82 0.50 -10.11
CA PHE A 124 5.84 1.58 -10.20
C PHE A 124 4.48 1.15 -9.65
N LEU A 125 4.11 -0.11 -9.88
CA LEU A 125 2.82 -0.60 -9.38
C LEU A 125 2.81 -0.63 -7.85
N LEU A 126 3.92 -1.06 -7.24
CA LEU A 126 4.01 -1.02 -5.78
C LEU A 126 3.97 0.40 -5.24
N THR A 127 4.49 1.36 -6.01
CA THR A 127 4.43 2.75 -5.59
C THR A 127 3.00 3.26 -5.55
N CYS A 128 2.24 3.01 -6.62
CA CYS A 128 0.85 3.43 -6.66
C CYS A 128 -0.01 2.63 -5.69
N LEU A 129 0.31 1.34 -5.51
CA LEU A 129 -0.43 0.54 -4.54
C LEU A 129 -0.20 1.01 -3.12
N SER A 130 1.00 1.54 -2.83
CA SER A 130 1.27 2.08 -1.49
C SER A 130 0.56 3.41 -1.29
N ILE A 131 0.50 4.25 -2.33
CA ILE A 131 -0.23 5.51 -2.23
C ILE A 131 -1.72 5.24 -2.04
N ASP A 132 -2.25 4.19 -2.69
CA ASP A 132 -3.64 3.83 -2.51
C ASP A 132 -3.92 3.40 -1.07
N ARG A 133 -2.95 2.76 -0.41
CA ARG A 133 -3.16 2.34 0.97
C ARG A 133 -3.13 3.52 1.92
N TYR A 134 -2.30 4.52 1.64
CA TYR A 134 -2.27 5.72 2.47
C TYR A 134 -3.60 6.46 2.41
N LEU A 135 -4.24 6.46 1.24
CA LEU A 135 -5.52 7.16 1.10
C LEU A 135 -6.68 6.33 1.64
N ALA A 136 -6.63 5.01 1.48
CA ALA A 136 -7.72 4.16 1.91
C ALA A 136 -7.79 3.99 3.42
N ILE A 137 -6.67 4.16 4.12
CA ILE A 137 -6.61 3.95 5.56
C ILE A 137 -6.72 5.25 6.33
N VAL A 138 -6.10 6.31 5.83
CA VAL A 138 -6.05 7.58 6.57
C VAL A 138 -7.17 8.52 6.15
N HIS A 139 -7.51 8.56 4.86
CA HIS A 139 -8.54 9.45 4.33
C HIS A 139 -9.61 8.63 3.62
N PRO A 140 -10.40 7.85 4.37
CA PRO A 140 -11.37 6.96 3.69
C PRO A 140 -12.49 7.71 3.00
N MET A 141 -13.02 8.76 3.61
CA MET A 141 -14.17 9.47 3.07
C MET A 141 -13.78 10.53 2.04
N LYS A 142 -12.65 11.22 2.25
CA LYS A 142 -12.29 12.32 1.37
C LYS A 142 -11.64 11.86 0.07
N SER A 143 -11.06 10.66 0.03
CA SER A 143 -10.36 10.17 -1.14
C SER A 143 -11.09 9.03 -1.84
N ARG A 144 -12.37 8.81 -1.51
CA ARG A 144 -13.11 7.71 -2.13
C ARG A 144 -13.56 8.07 -3.53
N LEU A 145 -14.03 9.31 -3.74
CA LEU A 145 -14.53 9.70 -5.04
C LEU A 145 -13.42 9.91 -6.06
N ARG A 146 -12.16 10.02 -5.61
CA ARG A 146 -11.03 10.15 -6.51
C ARG A 146 -10.34 8.82 -6.81
N ARG A 147 -10.69 7.76 -6.08
CA ARG A 147 -10.11 6.44 -6.26
C ARG A 147 -11.20 5.52 -6.82
N THR A 148 -11.32 5.48 -8.13
CA THR A 148 -12.32 4.68 -8.83
C THR A 148 -11.63 3.65 -9.71
N MET A 149 -12.44 2.80 -10.35
CA MET A 149 -11.91 1.78 -11.23
C MET A 149 -11.31 2.39 -12.50
N LEU A 150 -11.88 3.48 -12.98
CA LEU A 150 -11.35 4.12 -14.18
C LEU A 150 -9.98 4.74 -13.92
N VAL A 151 -9.78 5.29 -12.71
CA VAL A 151 -8.49 5.89 -12.38
C VAL A 151 -7.40 4.82 -12.28
N ALA A 152 -7.73 3.66 -11.72
CA ALA A 152 -6.74 2.60 -11.57
C ALA A 152 -6.30 2.06 -12.92
N LYS A 153 -7.23 1.98 -13.89
CA LYS A 153 -6.87 1.46 -15.21
C LYS A 153 -6.03 2.46 -16.00
N VAL A 154 -6.35 3.76 -15.87
CA VAL A 154 -5.55 4.78 -16.54
C VAL A 154 -4.18 4.90 -15.88
N THR A 155 -4.11 4.67 -14.57
CA THR A 155 -2.81 4.67 -13.90
C THR A 155 -1.92 3.55 -14.44
N CYS A 156 -2.50 2.37 -14.69
CA CYS A 156 -1.71 1.24 -15.14
C CYS A 156 -1.20 1.44 -16.57
N ILE A 157 -2.04 1.98 -17.47
CA ILE A 157 -1.60 2.16 -18.84
C ILE A 157 -0.52 3.23 -18.93
N ILE A 158 -0.53 4.20 -18.01
CA ILE A 158 0.57 5.15 -17.94
C ILE A 158 1.83 4.45 -17.43
N ILE A 159 1.66 3.55 -16.46
CA ILE A 159 2.80 2.79 -15.94
C ILE A 159 3.39 1.92 -17.03
N TRP A 160 2.53 1.35 -17.88
CA TRP A 160 3.05 0.56 -19.01
C TRP A 160 3.86 1.44 -19.97
N LEU A 161 3.42 2.68 -20.18
CA LEU A 161 4.13 3.56 -21.09
C LEU A 161 5.43 4.07 -20.47
N LEU A 162 5.39 4.44 -19.18
CA LEU A 162 6.60 4.91 -18.52
C LEU A 162 7.63 3.80 -18.38
N ALA A 163 7.18 2.56 -18.19
CA ALA A 163 8.11 1.44 -18.12
C ALA A 163 8.67 1.11 -19.50
N GLY A 164 7.82 1.14 -20.52
CA GLY A 164 8.31 0.92 -21.88
C GLY A 164 9.23 2.04 -22.34
N LEU A 165 8.94 3.28 -21.94
CA LEU A 165 9.84 4.39 -22.23
C LEU A 165 11.17 4.23 -21.51
N ALA A 166 11.15 3.65 -20.31
CA ALA A 166 12.39 3.43 -19.58
C ALA A 166 13.19 2.26 -20.16
N SER A 167 12.51 1.22 -20.62
CA SER A 167 13.16 0.09 -21.28
C SER A 167 13.44 0.35 -22.75
N LEU A 168 13.22 1.57 -23.22
CA LEU A 168 13.47 1.88 -24.62
C LEU A 168 14.92 1.72 -25.03
N PRO A 169 15.92 2.16 -24.26
CA PRO A 169 17.32 1.90 -24.65
C PRO A 169 17.68 0.43 -24.69
N ALA A 170 16.96 -0.42 -23.94
CA ALA A 170 17.19 -1.86 -24.01
C ALA A 170 16.67 -2.47 -25.30
N ILE A 171 15.93 -1.71 -26.10
CA ILE A 171 15.48 -2.15 -27.41
C ILE A 171 16.34 -1.60 -28.52
N ILE A 172 16.97 -0.45 -28.33
CA ILE A 172 17.72 0.23 -29.38
C ILE A 172 19.18 -0.21 -29.40
N HIS A 173 19.81 -0.26 -28.22
CA HIS A 173 21.25 -0.50 -28.13
C HIS A 173 21.62 -1.94 -27.82
N ARG A 174 20.63 -2.80 -27.52
CA ARG A 174 20.91 -4.21 -27.26
C ARG A 174 21.07 -4.93 -28.59
N ASN A 175 22.30 -5.21 -28.96
CA ASN A 175 22.60 -5.93 -30.20
C ASN A 175 23.44 -7.16 -29.90
N VAL A 176 23.51 -8.05 -30.89
CA VAL A 176 24.30 -9.27 -30.79
C VAL A 176 25.69 -8.99 -31.33
N PHE A 177 26.71 -9.24 -30.51
CA PHE A 177 28.09 -8.97 -30.88
C PHE A 177 28.87 -10.27 -30.95
N PHE A 178 29.90 -10.27 -31.81
CA PHE A 178 30.80 -11.40 -31.98
C PHE A 178 32.13 -11.04 -31.33
N ILE A 179 32.39 -11.61 -30.16
CA ILE A 179 33.61 -11.32 -29.41
C ILE A 179 34.77 -12.02 -30.09
N GLU A 180 35.74 -11.23 -30.57
CA GLU A 180 36.90 -11.79 -31.26
C GLU A 180 37.90 -12.43 -30.30
N ASN A 181 37.88 -12.03 -29.02
CA ASN A 181 38.84 -12.60 -28.06
C ASN A 181 38.56 -14.07 -27.80
N THR A 182 37.29 -14.45 -27.72
CA THR A 182 36.91 -15.82 -27.38
C THR A 182 36.05 -16.50 -28.44
N ASN A 183 35.76 -15.83 -29.55
CA ASN A 183 34.91 -16.39 -30.61
C ASN A 183 33.56 -16.83 -30.07
N ILE A 184 32.99 -16.01 -29.18
CA ILE A 184 31.74 -16.31 -28.50
C ILE A 184 30.72 -15.25 -28.90
N THR A 185 29.60 -15.69 -29.44
CA THR A 185 28.53 -14.80 -29.89
C THR A 185 27.61 -14.50 -28.72
N VAL A 186 27.58 -13.24 -28.29
CA VAL A 186 26.78 -12.81 -27.15
C VAL A 186 25.95 -11.60 -27.56
N CYS A 187 25.00 -11.26 -26.69
N CYS A 187 24.98 -11.27 -26.70
CA CYS A 187 24.18 -10.06 -26.83
CA CYS A 187 24.18 -10.06 -26.83
C CYS A 187 24.32 -9.23 -25.56
C CYS A 187 24.34 -9.23 -25.56
N ALA A 188 24.67 -7.96 -25.72
CA ALA A 188 24.96 -7.10 -24.58
C ALA A 188 24.95 -5.65 -25.03
N PHE A 189 25.18 -4.76 -24.08
CA PHE A 189 25.53 -3.37 -24.36
C PHE A 189 27.04 -3.27 -24.51
N HIS A 190 27.50 -2.50 -25.49
CA HIS A 190 28.92 -2.33 -25.75
C HIS A 190 29.35 -0.97 -25.21
N TYR A 191 30.02 -0.96 -24.06
CA TYR A 191 30.50 0.27 -23.44
C TYR A 191 31.80 0.68 -24.14
N GLU A 192 31.65 1.26 -25.33
CA GLU A 192 32.81 1.64 -26.12
C GLU A 192 33.61 2.72 -25.42
N SER A 193 34.94 2.64 -25.54
CA SER A 193 35.81 3.60 -24.87
C SER A 193 35.63 5.00 -25.44
N GLN A 194 35.50 5.12 -26.76
CA GLN A 194 35.26 6.40 -27.40
C GLN A 194 34.27 6.23 -28.55
N ASN A 195 33.55 7.31 -28.85
CA ASN A 195 32.56 7.33 -29.93
C ASN A 195 31.51 6.25 -29.74
N SER A 196 30.82 6.33 -28.60
CA SER A 196 29.78 5.38 -28.24
C SER A 196 28.43 6.04 -28.36
N THR A 197 27.49 5.36 -29.03
CA THR A 197 26.14 5.87 -29.21
C THR A 197 25.23 5.58 -28.02
N LEU A 198 25.71 4.86 -27.02
CA LEU A 198 24.91 4.55 -25.86
C LEU A 198 24.97 5.70 -24.84
N PRO A 199 23.88 5.95 -24.12
CA PRO A 199 23.89 7.00 -23.11
C PRO A 199 24.93 6.73 -22.02
N ILE A 200 25.41 7.81 -21.41
CA ILE A 200 26.50 7.70 -20.44
C ILE A 200 26.02 6.99 -19.18
N GLY A 201 24.98 7.53 -18.54
CA GLY A 201 24.49 6.95 -17.30
C GLY A 201 23.17 6.22 -17.45
N LEU A 202 23.19 5.09 -18.16
CA LEU A 202 21.96 4.31 -18.33
C LEU A 202 21.59 3.59 -17.04
N GLY A 203 22.58 3.08 -16.32
CA GLY A 203 22.32 2.44 -15.04
C GLY A 203 21.89 3.40 -13.95
N LEU A 204 22.17 4.70 -14.13
CA LEU A 204 21.70 5.69 -13.17
C LEU A 204 20.18 5.81 -13.18
N THR A 205 19.56 5.63 -14.35
CA THR A 205 18.11 5.68 -14.44
C THR A 205 17.47 4.55 -13.64
N LYS A 206 18.04 3.35 -13.71
CA LYS A 206 17.55 2.25 -12.89
C LYS A 206 17.77 2.48 -11.41
N ASN A 207 18.68 3.40 -11.05
CA ASN A 207 18.93 3.68 -9.64
C ASN A 207 17.90 4.65 -9.07
N ILE A 208 17.78 5.83 -9.66
CA ILE A 208 16.89 6.85 -9.10
C ILE A 208 15.45 6.60 -9.51
N LEU A 209 15.21 6.41 -10.81
CA LEU A 209 13.84 6.19 -11.27
C LEU A 209 13.35 4.79 -10.95
N GLY A 210 14.25 3.81 -10.92
CA GLY A 210 13.90 2.44 -10.69
C GLY A 210 13.97 1.97 -9.25
N PHE A 211 14.48 2.80 -8.33
CA PHE A 211 14.60 2.39 -6.94
C PHE A 211 14.50 3.56 -5.98
N LEU A 212 15.39 4.54 -6.13
CA LEU A 212 15.49 5.62 -5.15
C LEU A 212 14.17 6.37 -5.01
N PHE A 213 13.67 6.94 -6.11
CA PHE A 213 12.43 7.70 -6.04
C PHE A 213 11.23 6.85 -5.62
N PRO A 214 11.00 5.66 -6.19
CA PRO A 214 9.82 4.89 -5.75
C PRO A 214 9.91 4.41 -4.32
N PHE A 215 11.10 4.01 -3.85
CA PHE A 215 11.24 3.52 -2.49
C PHE A 215 10.92 4.63 -1.47
N LEU A 216 11.31 5.86 -1.79
CA LEU A 216 11.00 6.97 -0.89
C LEU A 216 9.51 7.26 -0.84
N ILE A 217 8.78 6.94 -1.90
CA ILE A 217 7.33 7.06 -1.87
C ILE A 217 6.70 5.88 -1.14
N ILE A 218 7.23 4.68 -1.38
CA ILE A 218 6.74 3.50 -0.67
C ILE A 218 7.02 3.61 0.81
N LEU A 219 8.21 4.09 1.18
CA LEU A 219 8.55 4.26 2.59
C LEU A 219 7.69 5.34 3.24
N THR A 220 7.43 6.44 2.51
CA THR A 220 6.65 7.53 3.08
C THR A 220 5.18 7.13 3.26
N SER A 221 4.64 6.36 2.31
CA SER A 221 3.24 5.97 2.39
C SER A 221 2.97 5.10 3.61
N TYR A 222 3.79 4.06 3.80
CA TYR A 222 3.58 3.16 4.93
C TYR A 222 4.02 3.75 6.26
N THR A 223 4.91 4.76 6.25
CA THR A 223 5.24 5.46 7.49
C THR A 223 4.06 6.28 7.99
N LEU A 224 3.33 6.92 7.07
CA LEU A 224 2.13 7.65 7.47
C LEU A 224 1.03 6.71 7.94
N ILE A 225 0.93 5.52 7.34
CA ILE A 225 0.02 4.51 7.85
C ILE A 225 0.47 4.04 9.23
N TRP A 226 1.79 3.93 9.43
CA TRP A 226 2.32 3.58 10.75
C TRP A 226 1.95 4.63 11.79
N LYS A 227 2.14 5.91 11.45
CA LYS A 227 1.88 6.99 12.40
C LYS A 227 0.40 7.15 12.68
N ALA A 228 -0.46 6.91 11.68
CA ALA A 228 -1.89 7.06 11.88
C ALA A 228 -2.44 5.95 12.76
N LEU A 229 -2.06 4.70 12.48
CA LEU A 229 -2.54 3.59 13.30
C LEU A 229 -1.98 3.65 14.72
N LYS A 230 -0.80 4.27 14.89
CA LYS A 230 -0.25 4.42 16.23
C LYS A 230 -1.06 5.40 17.06
N LYS A 231 -1.42 6.55 16.48
CA LYS A 231 -2.22 7.53 17.19
C LYS A 231 -3.62 6.99 17.51
N ALA A 232 -4.13 6.09 16.66
CA ALA A 232 -5.44 5.49 16.92
C ALA A 232 -5.35 4.38 17.96
N TYR A 233 -4.28 3.58 17.92
CA TYR A 233 -4.15 2.50 18.89
C TYR A 233 -3.74 3.04 20.26
N ASP A 234 -2.86 4.05 20.29
CA ASP A 234 -2.49 4.64 21.56
C ASP A 234 -3.66 5.36 22.21
N LEU A 235 -4.57 5.91 21.42
CA LEU A 235 -5.76 6.55 21.98
C LEU A 235 -6.67 5.52 22.65
N GLU A 236 -6.83 4.35 22.03
CA GLU A 236 -7.67 3.31 22.62
C GLU A 236 -7.07 2.79 23.91
N ASP A 237 -5.74 2.64 23.95
CA ASP A 237 -5.08 2.19 25.17
C ASP A 237 -5.20 3.22 26.29
N ASN A 238 -5.29 4.51 25.94
CA ASN A 238 -5.49 5.54 26.96
C ASN A 238 -6.89 5.44 27.56
N TRP A 239 -7.90 5.21 26.73
CA TRP A 239 -9.25 5.03 27.25
C TRP A 239 -9.37 3.73 28.02
N GLU A 240 -8.71 2.67 27.54
CA GLU A 240 -8.72 1.41 28.26
C GLU A 240 -7.99 1.51 29.60
N THR A 241 -7.02 2.42 29.70
CA THR A 241 -6.33 2.62 30.97
C THR A 241 -7.23 3.35 31.97
N LEU A 242 -8.05 4.28 31.49
CA LEU A 242 -8.95 5.02 32.38
C LEU A 242 -10.05 4.10 32.93
N ASN A 243 -10.62 3.25 32.06
CA ASN A 243 -11.70 2.38 32.50
C ASN A 243 -11.20 1.28 33.43
N ASP A 244 -10.02 0.72 33.14
CA ASP A 244 -9.48 -0.33 33.99
C ASP A 244 -9.07 0.20 35.35
N ASN A 245 -8.52 1.42 35.39
CA ASN A 245 -8.14 2.00 36.68
C ASN A 245 -9.35 2.47 37.48
N LEU A 246 -10.42 2.88 36.79
CA LEU A 246 -11.64 3.24 37.51
C LEU A 246 -12.26 2.03 38.21
N LYS A 247 -12.14 0.85 37.61
CA LYS A 247 -12.60 -0.37 38.28
C LYS A 247 -11.68 -0.74 39.43
N VAL A 248 -10.41 -0.36 39.36
CA VAL A 248 -9.49 -0.63 40.47
C VAL A 248 -9.84 0.25 41.67
N ILE A 249 -10.23 1.50 41.43
CA ILE A 249 -10.60 2.39 42.52
C ILE A 249 -11.86 1.89 43.22
N GLU A 250 -12.82 1.38 42.45
CA GLU A 250 -14.04 0.85 43.04
C GLU A 250 -13.76 -0.41 43.86
N LYS A 251 -12.74 -1.18 43.50
CA LYS A 251 -12.36 -2.38 44.22
C LYS A 251 -11.22 -2.15 45.20
N ALA A 252 -10.76 -0.91 45.36
CA ALA A 252 -9.66 -0.62 46.26
C ALA A 252 -10.13 -0.62 47.72
N ASP A 253 -9.17 -0.79 48.62
CA ASP A 253 -9.46 -0.83 50.05
C ASP A 253 -8.63 0.15 50.88
N ASN A 254 -7.68 0.85 50.27
CA ASN A 254 -6.87 1.83 51.00
C ASN A 254 -6.54 2.98 50.06
N ALA A 255 -5.92 4.02 50.63
CA ALA A 255 -5.58 5.20 49.86
C ALA A 255 -4.40 4.98 48.93
N ALA A 256 -3.58 3.97 49.19
CA ALA A 256 -2.43 3.70 48.33
C ALA A 256 -2.86 3.17 46.97
N GLN A 257 -3.84 2.26 46.95
CA GLN A 257 -4.33 1.72 45.69
C GLN A 257 -5.06 2.79 44.89
N VAL A 258 -5.75 3.71 45.56
CA VAL A 258 -6.43 4.79 44.86
C VAL A 258 -5.42 5.80 44.32
N LYS A 259 -4.34 6.04 45.07
CA LYS A 259 -3.32 6.97 44.60
C LYS A 259 -2.58 6.44 43.39
N ASP A 260 -2.39 5.12 43.31
CA ASP A 260 -1.71 4.53 42.16
C ASP A 260 -2.59 4.61 40.91
N ALA A 261 -3.89 4.35 41.05
CA ALA A 261 -4.78 4.35 39.90
C ALA A 261 -5.07 5.78 39.44
N LEU A 262 -5.22 6.71 40.39
CA LEU A 262 -5.52 8.10 40.02
C LEU A 262 -4.34 8.76 39.34
N THR A 263 -3.11 8.39 39.70
CA THR A 263 -1.94 8.94 39.02
C THR A 263 -1.83 8.40 37.61
N LYS A 264 -2.16 7.13 37.41
CA LYS A 264 -2.12 6.55 36.07
C LYS A 264 -3.23 7.11 35.18
N MET A 265 -4.34 7.54 35.79
CA MET A 265 -5.42 8.14 35.00
C MET A 265 -5.06 9.56 34.58
N ARG A 266 -4.37 10.31 35.44
CA ARG A 266 -3.94 11.65 35.06
C ARG A 266 -2.90 11.60 33.95
N ALA A 267 -2.00 10.62 33.99
CA ALA A 267 -1.01 10.47 32.93
C ALA A 267 -1.66 10.00 31.64
N ALA A 268 -2.68 9.14 31.73
CA ALA A 268 -3.38 8.68 30.54
C ALA A 268 -4.25 9.78 29.94
N ALA A 269 -4.76 10.69 30.78
CA ALA A 269 -5.57 11.78 30.27
C ALA A 269 -4.74 12.78 29.47
N LEU A 270 -3.47 12.98 29.86
CA LEU A 270 -2.62 13.89 29.12
C LEU A 270 -2.17 13.29 27.80
N ASP A 271 -1.90 11.98 27.78
CA ASP A 271 -1.56 11.31 26.53
C ASP A 271 -2.75 11.28 25.58
N ALA A 272 -3.95 11.08 26.11
CA ALA A 272 -5.15 11.12 25.28
C ALA A 272 -5.46 12.54 24.80
N GLN A 273 -5.02 13.56 25.55
CA GLN A 273 -5.26 14.93 25.12
C GLN A 273 -4.31 15.33 24.01
N LYS A 274 -3.10 14.77 23.99
CA LYS A 274 -2.12 15.06 22.94
C LYS A 274 -2.25 14.07 21.79
N ALA A 275 -3.45 14.03 21.21
CA ALA A 275 -3.74 13.12 20.10
C ALA A 275 -3.82 13.88 18.79
N ARG A 294 -9.56 21.90 22.69
CA ARG A 294 -10.77 22.51 22.15
C ARG A 294 -12.00 22.08 22.94
N HIS A 295 -11.82 21.13 23.86
CA HIS A 295 -12.92 20.64 24.68
C HIS A 295 -12.40 20.50 26.11
N GLY A 296 -13.16 19.77 26.93
CA GLY A 296 -12.87 19.69 28.35
C GLY A 296 -11.98 18.55 28.78
N PHE A 297 -10.82 18.40 28.11
CA PHE A 297 -9.83 17.46 28.62
C PHE A 297 -9.13 17.99 29.85
N ASP A 298 -9.01 19.31 29.97
CA ASP A 298 -8.51 19.91 31.20
C ASP A 298 -9.54 19.84 32.32
N ILE A 299 -10.83 19.69 31.98
CA ILE A 299 -11.85 19.50 33.00
C ILE A 299 -11.71 18.13 33.64
N LEU A 300 -11.47 17.09 32.82
CA LEU A 300 -11.23 15.77 33.37
C LEU A 300 -9.91 15.71 34.12
N VAL A 301 -8.86 16.33 33.58
CA VAL A 301 -7.57 16.34 34.25
C VAL A 301 -7.64 17.14 35.55
N GLY A 302 -8.38 18.24 35.55
CA GLY A 302 -8.52 19.03 36.76
C GLY A 302 -9.33 18.31 37.83
N GLN A 303 -10.36 17.56 37.42
CA GLN A 303 -11.15 16.81 38.38
C GLN A 303 -10.39 15.59 38.91
N ILE A 304 -9.48 15.03 38.10
CA ILE A 304 -8.60 13.99 38.60
C ILE A 304 -7.59 14.58 39.58
N ASP A 305 -7.10 15.79 39.29
CA ASP A 305 -6.21 16.47 40.22
C ASP A 305 -6.92 16.82 41.52
N ASP A 306 -8.23 17.07 41.47
CA ASP A 306 -8.99 17.31 42.69
C ASP A 306 -9.13 16.03 43.50
N ALA A 307 -9.27 14.88 42.83
CA ALA A 307 -9.32 13.61 43.54
C ALA A 307 -7.97 13.23 44.11
N LEU A 308 -6.88 13.68 43.48
CA LEU A 308 -5.56 13.42 44.02
C LEU A 308 -5.31 14.18 45.32
N LYS A 309 -5.99 15.31 45.50
CA LYS A 309 -5.84 16.08 46.74
C LYS A 309 -6.51 15.39 47.92
N LEU A 310 -7.51 14.54 47.68
CA LEU A 310 -8.18 13.82 48.74
C LEU A 310 -7.47 12.52 49.10
N ALA A 311 -7.00 11.78 48.11
CA ALA A 311 -6.33 10.51 48.38
C ALA A 311 -5.00 10.71 49.09
N ASN A 312 -4.35 11.85 48.86
CA ASN A 312 -3.09 12.15 49.53
C ASN A 312 -3.27 12.50 51.00
N GLU A 313 -4.44 12.99 51.40
CA GLU A 313 -4.71 13.37 52.78
C GLU A 313 -5.35 12.25 53.58
N GLY A 314 -5.13 10.99 53.20
CA GLY A 314 -5.68 9.87 53.92
C GLY A 314 -7.15 9.57 53.64
N LYS A 315 -7.83 10.39 52.84
CA LYS A 315 -9.23 10.15 52.53
C LYS A 315 -9.33 9.11 51.41
N VAL A 316 -9.98 7.99 51.70
CA VAL A 316 -10.10 6.89 50.77
C VAL A 316 -11.50 6.80 50.18
N LYS A 317 -12.53 7.00 51.00
CA LYS A 317 -13.90 6.90 50.52
C LYS A 317 -14.32 8.12 49.71
N GLU A 318 -13.74 9.29 50.00
CA GLU A 318 -14.13 10.49 49.28
C GLU A 318 -13.56 10.49 47.85
N ALA A 319 -12.37 9.93 47.67
CA ALA A 319 -11.76 9.90 46.34
C ALA A 319 -12.51 8.96 45.40
N GLN A 320 -13.08 7.88 45.93
CA GLN A 320 -13.82 6.94 45.09
C GLN A 320 -15.13 7.55 44.59
N ALA A 321 -15.71 8.48 45.34
CA ALA A 321 -16.96 9.11 44.90
C ALA A 321 -16.71 10.06 43.74
N ALA A 322 -15.61 10.80 43.76
CA ALA A 322 -15.30 11.71 42.67
C ALA A 322 -14.88 10.96 41.40
N ALA A 323 -14.24 9.81 41.55
CA ALA A 323 -13.84 9.02 40.39
C ALA A 323 -15.04 8.39 39.70
N GLU A 324 -16.04 7.97 40.47
CA GLU A 324 -17.23 7.36 39.89
C GLU A 324 -18.18 8.38 39.26
N GLN A 325 -18.05 9.67 39.62
CA GLN A 325 -18.93 10.68 39.07
C GLN A 325 -18.52 11.10 37.65
N LEU A 326 -17.24 11.01 37.32
CA LEU A 326 -16.76 11.41 36.00
C LEU A 326 -17.21 10.41 34.95
N LYS A 327 -16.62 9.22 34.95
CA LYS A 327 -16.96 8.20 33.97
C LYS A 327 -17.50 6.94 34.65
N LYS A 336 -15.86 0.30 22.07
CA LYS A 336 -15.88 -0.81 23.02
C LYS A 336 -15.55 -2.13 22.33
N ASN A 337 -15.90 -2.22 21.04
CA ASN A 337 -15.66 -3.42 20.25
C ASN A 337 -15.14 -3.01 18.87
N LYS A 338 -13.97 -2.38 18.86
CA LYS A 338 -13.36 -1.92 17.61
C LYS A 338 -12.29 -2.90 17.14
N PRO A 339 -12.23 -3.17 15.84
CA PRO A 339 -11.18 -4.07 15.33
C PRO A 339 -9.79 -3.50 15.57
N ARG A 340 -8.85 -4.38 15.90
CA ARG A 340 -7.49 -3.97 16.20
C ARG A 340 -6.54 -5.12 15.89
N ASN A 341 -5.42 -4.80 15.26
CA ASN A 341 -4.39 -5.78 14.92
C ASN A 341 -3.04 -5.20 15.33
N ASP A 342 -2.53 -5.65 16.48
CA ASP A 342 -1.25 -5.17 16.96
C ASP A 342 -0.07 -5.71 16.16
N ASP A 343 -0.30 -6.67 15.26
CA ASP A 343 0.74 -7.18 14.39
C ASP A 343 0.80 -6.46 13.05
N ILE A 344 0.00 -5.41 12.86
CA ILE A 344 0.05 -4.65 11.61
C ILE A 344 1.37 -3.90 11.48
N PHE A 345 2.03 -3.60 12.60
CA PHE A 345 3.32 -2.92 12.52
C PHE A 345 4.42 -3.86 12.04
N LYS A 346 4.32 -5.14 12.38
CA LYS A 346 5.24 -6.11 11.82
C LYS A 346 5.00 -6.32 10.33
N ILE A 347 3.76 -6.18 9.88
CA ILE A 347 3.46 -6.32 8.47
C ILE A 347 4.01 -5.14 7.68
N ILE A 348 3.78 -3.92 8.19
CA ILE A 348 4.34 -2.74 7.55
C ILE A 348 5.86 -2.80 7.55
N MET A 349 6.44 -3.35 8.62
CA MET A 349 7.90 -3.51 8.68
C MET A 349 8.38 -4.49 7.62
N ALA A 350 7.65 -5.60 7.42
CA ALA A 350 8.10 -6.61 6.46
C ALA A 350 7.91 -6.13 5.02
N ILE A 351 6.87 -5.34 4.75
CA ILE A 351 6.61 -4.90 3.39
C ILE A 351 7.72 -3.98 2.90
N VAL A 352 8.18 -3.06 3.75
CA VAL A 352 9.20 -2.11 3.34
C VAL A 352 10.55 -2.80 3.18
N LEU A 353 10.93 -3.63 4.16
CA LEU A 353 12.22 -4.29 4.10
C LEU A 353 12.28 -5.33 2.99
N PHE A 354 11.14 -5.91 2.62
CA PHE A 354 11.13 -6.88 1.52
C PHE A 354 11.41 -6.19 0.19
N PHE A 355 10.90 -4.96 0.01
CA PHE A 355 11.19 -4.21 -1.20
C PHE A 355 12.62 -3.70 -1.21
N PHE A 356 13.17 -3.38 -0.03
CA PHE A 356 14.49 -2.79 0.04
C PHE A 356 15.59 -3.84 -0.11
N PHE A 357 15.57 -4.86 0.74
CA PHE A 357 16.62 -5.88 0.73
C PHE A 357 16.58 -6.77 -0.50
N SER A 358 15.50 -6.75 -1.28
CA SER A 358 15.46 -7.55 -2.50
C SER A 358 16.14 -6.83 -3.66
N TRP A 359 16.01 -5.51 -3.73
CA TRP A 359 16.56 -4.74 -4.84
C TRP A 359 17.91 -4.11 -4.54
N ILE A 360 18.26 -3.91 -3.26
CA ILE A 360 19.48 -3.21 -2.91
C ILE A 360 20.75 -4.00 -3.27
N PRO A 361 20.74 -5.33 -3.41
CA PRO A 361 21.94 -5.96 -3.97
C PRO A 361 22.12 -5.68 -5.46
N HIS A 362 21.03 -5.70 -6.23
CA HIS A 362 21.14 -5.47 -7.67
C HIS A 362 21.41 -4.02 -8.01
N GLN A 363 20.88 -3.08 -7.21
CA GLN A 363 21.04 -1.66 -7.50
C GLN A 363 22.43 -1.14 -7.17
N ILE A 364 23.16 -1.82 -6.28
CA ILE A 364 24.52 -1.37 -5.95
C ILE A 364 25.49 -1.78 -7.05
N PHE A 365 25.45 -3.05 -7.47
CA PHE A 365 26.30 -3.49 -8.57
C PHE A 365 25.90 -2.87 -9.89
N THR A 366 24.64 -2.44 -10.03
CA THR A 366 24.26 -1.62 -11.18
C THR A 366 24.99 -0.28 -11.15
N PHE A 367 25.07 0.34 -9.97
CA PHE A 367 25.82 1.59 -9.83
C PHE A 367 27.31 1.35 -10.03
N LEU A 368 27.82 0.18 -9.63
CA LEU A 368 29.22 -0.14 -9.88
C LEU A 368 29.49 -0.35 -11.37
N ASP A 369 28.48 -0.81 -12.12
CA ASP A 369 28.63 -0.93 -13.56
C ASP A 369 28.74 0.44 -14.22
N VAL A 370 28.09 1.45 -13.66
CA VAL A 370 28.16 2.79 -14.22
C VAL A 370 29.54 3.40 -14.01
N LEU A 371 30.16 3.13 -12.85
CA LEU A 371 31.48 3.66 -12.58
C LEU A 371 32.51 3.11 -13.56
N ILE A 372 32.36 1.83 -13.95
CA ILE A 372 33.25 1.26 -14.96
C ILE A 372 32.95 1.87 -16.33
N GLN A 373 31.69 2.20 -16.59
CA GLN A 373 31.32 2.75 -17.89
C GLN A 373 31.84 4.18 -18.05
N LEU A 374 31.75 4.99 -16.99
CA LEU A 374 32.21 6.38 -17.06
C LEU A 374 33.72 6.49 -17.12
N GLY A 375 34.45 5.49 -16.60
CA GLY A 375 35.89 5.55 -16.53
C GLY A 375 36.45 5.84 -15.15
N ILE A 376 35.61 5.84 -14.11
CA ILE A 376 36.10 6.07 -12.76
C ILE A 376 36.97 4.91 -12.30
N ILE A 377 36.65 3.69 -12.75
CA ILE A 377 37.42 2.51 -12.42
C ILE A 377 37.57 1.67 -13.68
N ARG A 378 38.80 1.25 -13.98
CA ARG A 378 39.10 0.45 -15.16
C ARG A 378 39.81 -0.85 -14.84
N ASP A 379 39.87 -1.23 -13.56
CA ASP A 379 40.55 -2.46 -13.18
C ASP A 379 39.71 -3.67 -13.60
N CYS A 380 40.38 -4.65 -14.21
CA CYS A 380 39.71 -5.89 -14.58
C CYS A 380 39.48 -6.82 -13.39
N ARG A 381 40.03 -6.49 -12.22
CA ARG A 381 39.77 -7.30 -11.03
C ARG A 381 38.43 -6.95 -10.42
N ILE A 382 38.12 -5.65 -10.29
CA ILE A 382 36.83 -5.23 -9.78
C ILE A 382 35.73 -5.46 -10.81
N ALA A 383 36.08 -5.50 -12.10
CA ALA A 383 35.09 -5.86 -13.12
C ALA A 383 34.72 -7.33 -13.05
N ASP A 384 35.58 -8.17 -12.49
CA ASP A 384 35.26 -9.59 -12.35
C ASP A 384 34.26 -9.81 -11.22
N ILE A 385 34.48 -9.17 -10.07
CA ILE A 385 33.56 -9.33 -8.94
C ILE A 385 32.21 -8.69 -9.26
N VAL A 386 32.16 -7.73 -10.18
CA VAL A 386 30.88 -7.17 -10.61
C VAL A 386 30.19 -8.11 -11.59
N ASP A 387 30.95 -8.67 -12.53
CA ASP A 387 30.37 -9.60 -13.50
C ASP A 387 29.98 -10.93 -12.88
N THR A 388 30.56 -11.29 -11.74
CA THR A 388 30.18 -12.53 -11.05
C THR A 388 28.98 -12.32 -10.13
N ALA A 389 28.88 -11.16 -9.49
CA ALA A 389 27.79 -10.88 -8.56
C ALA A 389 26.51 -10.45 -9.26
N MET A 390 26.57 -10.07 -10.55
CA MET A 390 25.36 -9.64 -11.24
C MET A 390 24.36 -10.78 -11.41
N PRO A 391 24.74 -12.00 -11.83
CA PRO A 391 23.76 -13.08 -11.86
C PRO A 391 23.24 -13.47 -10.49
N ILE A 392 24.03 -13.24 -9.44
CA ILE A 392 23.57 -13.55 -8.09
C ILE A 392 22.48 -12.59 -7.65
N THR A 393 22.68 -11.29 -7.92
CA THR A 393 21.70 -10.29 -7.48
C THR A 393 20.39 -10.39 -8.26
N ILE A 394 20.45 -10.81 -9.52
CA ILE A 394 19.24 -10.97 -10.31
C ILE A 394 18.41 -12.13 -9.76
N CYS A 395 19.07 -13.20 -9.32
CA CYS A 395 18.36 -14.32 -8.71
C CYS A 395 17.73 -13.97 -7.36
N ILE A 396 18.06 -12.82 -6.79
CA ILE A 396 17.48 -12.38 -5.53
C ILE A 396 16.36 -11.37 -5.76
N ALA A 397 16.60 -10.38 -6.63
CA ALA A 397 15.60 -9.35 -6.86
C ALA A 397 14.39 -9.91 -7.60
N TYR A 398 14.62 -10.66 -8.68
CA TYR A 398 13.53 -11.15 -9.51
C TYR A 398 12.86 -12.40 -8.94
N PHE A 399 13.49 -13.07 -7.97
CA PHE A 399 12.79 -14.15 -7.28
C PHE A 399 11.83 -13.60 -6.23
N ASN A 400 12.24 -12.56 -5.50
CA ASN A 400 11.35 -11.92 -4.54
C ASN A 400 10.27 -11.12 -5.24
N ASN A 401 10.57 -10.58 -6.42
CA ASN A 401 9.57 -9.81 -7.16
C ASN A 401 8.47 -10.70 -7.73
N CYS A 402 8.82 -11.92 -8.16
CA CYS A 402 7.82 -12.85 -8.65
C CYS A 402 6.95 -13.42 -7.54
N LEU A 403 7.35 -13.26 -6.28
CA LEU A 403 6.52 -13.66 -5.15
C LEU A 403 5.75 -12.49 -4.55
N ASN A 404 5.90 -11.28 -5.12
CA ASN A 404 5.19 -10.13 -4.58
C ASN A 404 3.69 -10.20 -4.81
N PRO A 405 3.19 -10.52 -6.02
CA PRO A 405 1.73 -10.64 -6.17
C PRO A 405 1.13 -11.73 -5.30
N LEU A 406 1.90 -12.73 -4.91
CA LEU A 406 1.38 -13.79 -4.05
C LEU A 406 1.35 -13.36 -2.58
N PHE A 407 2.39 -12.63 -2.14
CA PHE A 407 2.43 -12.19 -0.75
C PHE A 407 1.39 -11.11 -0.47
N TYR A 408 1.25 -10.15 -1.37
CA TYR A 408 0.24 -9.12 -1.19
C TYR A 408 -1.17 -9.69 -1.22
N GLY A 409 -1.37 -10.79 -1.94
CA GLY A 409 -2.69 -11.41 -1.97
C GLY A 409 -3.08 -12.04 -0.66
N PHE A 410 -2.13 -12.67 0.02
CA PHE A 410 -2.41 -13.34 1.29
C PHE A 410 -2.75 -12.36 2.41
N LEU A 411 -2.53 -11.06 2.21
CA LEU A 411 -2.95 -10.08 3.20
C LEU A 411 -4.47 -9.94 3.23
N GLY A 412 -5.13 -10.09 2.09
CA GLY A 412 -6.59 -10.04 2.05
C GLY A 412 -7.18 -11.34 2.56
N LYS A 413 -8.15 -11.23 3.48
CA LYS A 413 -8.76 -12.42 4.04
C LYS A 413 -9.61 -13.16 3.02
N LYS A 414 -10.24 -12.43 2.10
CA LYS A 414 -11.05 -13.09 1.07
C LYS A 414 -10.18 -13.78 0.03
N PHE A 415 -9.05 -13.17 -0.32
CA PHE A 415 -8.12 -13.80 -1.26
C PHE A 415 -7.55 -15.09 -0.68
N LYS A 416 -7.22 -15.09 0.62
CA LYS A 416 -6.73 -16.30 1.27
C LYS A 416 -7.78 -17.39 1.27
N ARG A 417 -9.07 -17.02 1.24
CA ARG A 417 -10.13 -18.02 1.26
C ARG A 417 -10.22 -18.75 -0.08
N TYR A 418 -10.20 -18.00 -1.19
CA TYR A 418 -10.28 -18.63 -2.50
C TYR A 418 -9.00 -19.38 -2.84
N PHE A 419 -7.85 -18.90 -2.36
CA PHE A 419 -6.59 -19.56 -2.68
C PHE A 419 -6.51 -20.96 -2.07
N LEU A 420 -6.98 -21.10 -0.83
CA LEU A 420 -6.96 -22.41 -0.18
C LEU A 420 -8.02 -23.35 -0.72
N GLN A 421 -9.07 -22.82 -1.36
CA GLN A 421 -10.07 -23.68 -1.97
C GLN A 421 -9.55 -24.34 -3.24
N LEU A 422 -8.73 -23.63 -4.01
CA LEU A 422 -8.13 -24.21 -5.21
C LEU A 422 -7.16 -25.34 -4.86
N LEU A 423 -6.45 -25.23 -3.74
CA LEU A 423 -5.49 -26.26 -3.37
C LEU A 423 -6.16 -27.43 -2.67
N LYS A 424 -7.26 -27.19 -1.97
CA LYS A 424 -7.97 -28.27 -1.28
C LYS A 424 -8.73 -29.16 -2.26
N GLN B 1 -21.69 -9.64 4.69
CA GLN B 1 -21.85 -8.30 4.15
C GLN B 1 -22.36 -7.33 5.21
N VAL B 2 -22.01 -6.05 5.04
CA VAL B 2 -22.42 -4.99 5.96
C VAL B 2 -23.38 -4.10 5.18
N GLN B 3 -24.67 -4.23 5.46
CA GLN B 3 -25.70 -3.47 4.76
C GLN B 3 -25.98 -2.17 5.49
N LEU B 4 -26.52 -1.20 4.74
CA LEU B 4 -26.85 0.12 5.26
C LEU B 4 -28.26 0.48 4.82
N GLN B 5 -29.16 0.65 5.79
CA GLN B 5 -30.54 1.03 5.53
C GLN B 5 -30.70 2.52 5.78
N GLU B 6 -31.29 3.23 4.83
CA GLU B 6 -31.48 4.67 4.91
C GLU B 6 -32.95 5.01 5.03
N SER B 7 -33.22 6.18 5.62
CA SER B 7 -34.58 6.67 5.82
C SER B 7 -34.52 8.14 6.17
N GLY B 8 -35.66 8.81 6.01
CA GLY B 8 -35.80 10.21 6.36
C GLY B 8 -36.02 11.14 5.18
N GLY B 9 -35.95 10.64 3.95
CA GLY B 9 -36.12 11.49 2.80
C GLY B 9 -37.56 11.96 2.61
N GLY B 10 -37.72 12.99 1.80
CA GLY B 10 -39.03 13.54 1.53
C GLY B 10 -38.93 14.86 0.83
N LEU B 11 -40.09 15.32 0.34
CA LEU B 11 -40.20 16.59 -0.37
C LEU B 11 -40.71 17.65 0.60
N VAL B 12 -39.92 18.72 0.77
CA VAL B 12 -40.24 19.81 1.68
C VAL B 12 -40.00 21.13 0.95
N ALA B 13 -40.69 22.17 1.40
CA ALA B 13 -40.52 23.50 0.83
C ALA B 13 -39.14 24.06 1.15
N ALA B 14 -38.83 25.19 0.52
CA ALA B 14 -37.52 25.82 0.73
C ALA B 14 -37.42 26.40 2.14
N GLY B 15 -36.28 26.15 2.78
CA GLY B 15 -36.06 26.63 4.13
C GLY B 15 -36.57 25.72 5.23
N GLY B 16 -37.05 24.52 4.89
CA GLY B 16 -37.58 23.61 5.88
C GLY B 16 -36.53 22.87 6.66
N SER B 17 -36.81 21.62 7.02
CA SER B 17 -35.88 20.82 7.81
C SER B 17 -36.20 19.35 7.63
N LEU B 18 -35.16 18.53 7.71
CA LEU B 18 -35.31 17.07 7.63
C LEU B 18 -34.25 16.43 8.52
N ARG B 19 -34.41 15.12 8.74
CA ARG B 19 -33.47 14.35 9.54
C ARG B 19 -33.30 12.99 8.89
N LEU B 20 -32.15 12.78 8.24
CA LEU B 20 -31.84 11.51 7.59
C LEU B 20 -31.19 10.56 8.58
N SER B 21 -31.63 9.30 8.55
CA SER B 21 -31.10 8.27 9.43
C SER B 21 -30.46 7.17 8.60
N CYS B 22 -29.47 6.50 9.21
CA CYS B 22 -28.79 5.39 8.54
C CYS B 22 -28.17 4.51 9.62
N ALA B 23 -28.72 3.31 9.80
CA ALA B 23 -28.21 2.34 10.76
C ALA B 23 -27.52 1.20 10.04
N ALA B 24 -26.39 0.77 10.57
CA ALA B 24 -25.61 -0.31 9.98
C ALA B 24 -26.07 -1.65 10.52
N SER B 25 -26.22 -2.63 9.62
CA SER B 25 -26.65 -3.97 9.98
C SER B 25 -25.74 -4.99 9.31
N GLY B 26 -25.61 -6.15 9.95
CA GLY B 26 -24.81 -7.23 9.42
C GLY B 26 -23.33 -7.16 9.77
N ASN B 27 -22.96 -6.43 10.80
CA ASN B 27 -21.58 -6.29 11.21
C ASN B 27 -21.39 -6.90 12.60
N ILE B 28 -20.28 -7.62 12.78
CA ILE B 28 -19.99 -8.21 14.07
C ILE B 28 -19.32 -7.19 15.00
N PHE B 29 -18.54 -6.27 14.44
CA PHE B 29 -17.82 -5.28 15.21
C PHE B 29 -18.33 -3.89 14.86
N ASP B 30 -17.87 -2.90 15.63
CA ASP B 30 -18.34 -1.53 15.46
C ASP B 30 -17.83 -0.95 14.14
N VAL B 31 -18.71 -0.18 13.49
CA VAL B 31 -18.32 0.50 12.26
C VAL B 31 -17.35 1.63 12.58
N ASP B 32 -16.32 1.78 11.75
CA ASP B 32 -15.26 2.74 12.01
C ASP B 32 -15.73 4.17 11.77
N ILE B 33 -15.99 4.52 10.51
CA ILE B 33 -16.38 5.87 10.12
C ILE B 33 -17.58 5.78 9.20
N MET B 34 -18.53 6.71 9.39
CA MET B 34 -19.72 6.78 8.54
C MET B 34 -19.93 8.22 8.08
N GLY B 35 -20.52 8.38 6.91
CA GLY B 35 -20.74 9.69 6.35
C GLY B 35 -21.90 9.69 5.39
N TRP B 36 -22.08 10.84 4.72
CA TRP B 36 -23.18 11.05 3.79
C TRP B 36 -22.65 11.63 2.49
N TYR B 37 -23.10 11.07 1.37
CA TYR B 37 -22.79 11.58 0.04
C TYR B 37 -24.08 11.90 -0.69
N ARG B 38 -24.03 12.93 -1.54
CA ARG B 38 -25.17 13.28 -2.38
C ARG B 38 -24.71 13.48 -3.81
N GLN B 39 -25.63 13.26 -4.74
CA GLN B 39 -25.36 13.39 -6.18
C GLN B 39 -26.48 14.20 -6.81
N ALA B 40 -26.19 15.45 -7.16
CA ALA B 40 -27.17 16.29 -7.83
C ALA B 40 -27.39 15.80 -9.26
N PRO B 41 -28.56 16.08 -9.85
CA PRO B 41 -28.81 15.65 -11.23
C PRO B 41 -27.87 16.35 -12.20
N GLY B 42 -27.22 15.55 -13.05
CA GLY B 42 -26.29 16.07 -14.04
C GLY B 42 -24.94 16.47 -13.49
N LYS B 43 -24.67 16.24 -12.20
CA LYS B 43 -23.41 16.59 -11.58
C LYS B 43 -22.80 15.37 -10.92
N GLU B 44 -21.52 15.47 -10.58
CA GLU B 44 -20.81 14.38 -9.95
C GLU B 44 -21.15 14.31 -8.45
N ARG B 45 -20.95 13.13 -7.89
CA ARG B 45 -21.21 12.93 -6.47
C ARG B 45 -20.17 13.68 -5.63
N GLU B 46 -20.60 14.12 -4.45
CA GLU B 46 -19.73 14.87 -3.56
C GLU B 46 -20.00 14.45 -2.11
N LEU B 47 -19.02 14.71 -1.26
CA LEU B 47 -19.16 14.41 0.16
C LEU B 47 -19.86 15.55 0.87
N VAL B 48 -20.84 15.22 1.70
CA VAL B 48 -21.60 16.22 2.45
C VAL B 48 -21.03 16.35 3.84
N ALA B 49 -21.00 15.25 4.59
CA ALA B 49 -20.50 15.26 5.95
C ALA B 49 -20.05 13.86 6.33
N SER B 50 -19.18 13.80 7.33
CA SER B 50 -18.68 12.53 7.84
C SER B 50 -18.34 12.71 9.32
N ILE B 51 -18.63 11.67 10.11
CA ILE B 51 -18.36 11.69 11.54
C ILE B 51 -17.74 10.35 11.93
N THR B 52 -16.69 10.41 12.76
CA THR B 52 -16.00 9.22 13.18
C THR B 52 -16.55 8.73 14.53
N ASP B 53 -16.05 7.59 14.98
CA ASP B 53 -16.48 7.04 16.26
C ASP B 53 -16.07 7.90 17.45
N GLY B 54 -15.09 8.79 17.26
CA GLY B 54 -14.66 9.67 18.32
C GLY B 54 -15.50 10.93 18.45
N GLY B 55 -16.12 11.35 17.34
CA GLY B 55 -16.97 12.52 17.33
C GLY B 55 -16.50 13.65 16.43
N SER B 56 -15.34 13.54 15.79
CA SER B 56 -14.87 14.59 14.90
C SER B 56 -15.68 14.61 13.61
N THR B 57 -16.16 15.80 13.24
CA THR B 57 -17.00 15.96 12.06
C THR B 57 -16.30 16.81 11.02
N ASN B 58 -16.61 16.55 9.76
CA ASN B 58 -16.04 17.28 8.64
C ASN B 58 -17.17 17.56 7.64
N TYR B 59 -17.50 18.83 7.47
CA TYR B 59 -18.58 19.24 6.57
C TYR B 59 -18.01 19.86 5.31
N ALA B 60 -18.85 19.91 4.28
CA ALA B 60 -18.50 20.60 3.04
C ALA B 60 -18.76 22.09 3.18
N ASP B 61 -18.16 22.87 2.27
CA ASP B 61 -18.28 24.32 2.35
C ASP B 61 -19.67 24.80 1.97
N SER B 62 -20.44 24.01 1.23
CA SER B 62 -21.76 24.43 0.78
C SER B 62 -22.86 24.11 1.78
N VAL B 63 -22.58 23.30 2.80
CA VAL B 63 -23.59 22.93 3.79
C VAL B 63 -23.09 23.26 5.19
N LYS B 64 -21.97 23.97 5.27
CA LYS B 64 -21.40 24.33 6.57
C LYS B 64 -22.32 25.33 7.28
N GLY B 65 -22.56 25.09 8.56
CA GLY B 65 -23.44 25.93 9.35
C GLY B 65 -24.91 25.60 9.24
N ARG B 66 -25.31 24.81 8.25
CA ARG B 66 -26.70 24.43 8.05
C ARG B 66 -26.96 22.98 8.45
N PHE B 67 -26.15 22.04 7.98
CA PHE B 67 -26.32 20.64 8.30
C PHE B 67 -25.57 20.29 9.58
N THR B 68 -26.09 19.31 10.31
CA THR B 68 -25.48 18.85 11.55
C THR B 68 -25.55 17.34 11.59
N ILE B 69 -24.40 16.68 11.46
CA ILE B 69 -24.33 15.22 11.45
C ILE B 69 -23.99 14.74 12.86
N SER B 70 -24.56 13.59 13.23
CA SER B 70 -24.31 12.98 14.53
C SER B 70 -24.42 11.47 14.38
N ARG B 71 -24.08 10.76 15.45
CA ARG B 71 -24.13 9.31 15.43
C ARG B 71 -24.28 8.77 16.84
N ASP B 72 -24.83 7.57 16.92
CA ASP B 72 -24.97 6.83 18.18
C ASP B 72 -24.17 5.54 18.04
N ASN B 73 -23.02 5.49 18.71
CA ASN B 73 -22.13 4.34 18.59
C ASN B 73 -22.75 3.06 19.15
N ALA B 74 -23.78 3.18 19.98
CA ALA B 74 -24.42 1.98 20.54
C ALA B 74 -25.20 1.22 19.47
N LYS B 75 -25.98 1.94 18.68
CA LYS B 75 -26.80 1.33 17.64
C LYS B 75 -26.17 1.39 16.26
N ASN B 76 -24.97 1.97 16.13
CA ASN B 76 -24.28 2.12 14.86
C ASN B 76 -25.16 2.83 13.84
N THR B 77 -25.74 3.95 14.26
CA THR B 77 -26.61 4.76 13.43
C THR B 77 -26.02 6.16 13.29
N VAL B 78 -26.29 6.80 12.16
CA VAL B 78 -25.83 8.16 11.89
C VAL B 78 -27.02 9.00 11.46
N TYR B 79 -27.16 10.18 12.07
CA TYR B 79 -28.26 11.08 11.81
C TYR B 79 -27.74 12.35 11.16
N LEU B 80 -28.37 12.77 10.07
CA LEU B 80 -28.02 14.00 9.36
C LEU B 80 -29.18 14.97 9.51
N ALA B 81 -29.03 15.94 10.40
CA ALA B 81 -30.05 16.96 10.64
C ALA B 81 -29.86 18.10 9.65
N MET B 82 -30.73 18.16 8.64
CA MET B 82 -30.67 19.20 7.62
C MET B 82 -31.62 20.33 8.00
N ALA B 83 -31.11 21.55 7.98
CA ALA B 83 -31.88 22.74 8.32
C ALA B 83 -31.59 23.83 7.31
N SER B 84 -32.56 24.73 7.12
CA SER B 84 -32.48 25.82 6.15
C SER B 84 -32.17 25.28 4.76
N LEU B 85 -33.01 24.35 4.32
CA LEU B 85 -32.78 23.67 3.05
C LEU B 85 -32.97 24.63 1.88
N LYS B 86 -32.07 24.52 0.90
CA LYS B 86 -32.08 25.32 -0.31
C LYS B 86 -32.43 24.46 -1.51
N PRO B 87 -32.92 25.07 -2.60
CA PRO B 87 -33.21 24.29 -3.81
C PRO B 87 -31.98 23.64 -4.43
N GLU B 88 -30.78 24.09 -4.07
CA GLU B 88 -29.56 23.45 -4.57
C GLU B 88 -29.30 22.11 -3.90
N ASP B 89 -29.89 21.87 -2.73
CA ASP B 89 -29.69 20.62 -1.99
C ASP B 89 -30.53 19.47 -2.54
N THR B 90 -31.27 19.68 -3.62
CA THR B 90 -32.09 18.62 -4.21
C THR B 90 -31.17 17.59 -4.85
N ALA B 91 -31.04 16.43 -4.20
CA ALA B 91 -30.18 15.36 -4.70
C ALA B 91 -30.55 14.07 -3.99
N VAL B 92 -29.93 12.98 -4.43
CA VAL B 92 -30.08 11.68 -3.81
C VAL B 92 -28.93 11.48 -2.83
N TYR B 93 -29.27 11.31 -1.55
CA TYR B 93 -28.28 11.23 -0.49
C TYR B 93 -27.97 9.76 -0.19
N TYR B 94 -26.68 9.41 -0.26
CA TYR B 94 -26.22 8.05 -0.03
C TYR B 94 -25.50 7.96 1.31
N CYS B 95 -25.64 6.81 1.96
CA CYS B 95 -24.99 6.53 3.24
C CYS B 95 -23.79 5.63 3.00
N ALA B 96 -22.65 5.99 3.58
CA ALA B 96 -21.42 5.24 3.45
C ALA B 96 -20.85 4.91 4.81
N ALA B 97 -20.13 3.80 4.90
CA ALA B 97 -19.58 3.34 6.16
C ALA B 97 -18.32 2.51 5.90
N VAL B 98 -17.40 2.56 6.85
CA VAL B 98 -16.15 1.80 6.79
C VAL B 98 -16.13 0.84 7.97
N ALA B 99 -15.99 -0.45 7.68
CA ALA B 99 -15.97 -1.47 8.72
C ALA B 99 -14.90 -2.50 8.41
N TYR B 100 -14.03 -2.78 9.40
CA TYR B 100 -12.95 -3.74 9.25
C TYR B 100 -13.29 -5.06 9.95
N PRO B 101 -12.80 -6.18 9.43
CA PRO B 101 -13.04 -7.47 10.12
C PRO B 101 -12.20 -7.62 11.37
N ASP B 102 -12.29 -8.77 12.03
CA ASP B 102 -11.47 -9.02 13.21
C ASP B 102 -10.04 -9.28 12.80
N ILE B 103 -9.11 -8.80 13.62
CA ILE B 103 -7.67 -8.81 13.31
C ILE B 103 -7.48 -8.23 11.92
N PRO B 104 -7.75 -6.94 11.72
CA PRO B 104 -7.76 -6.36 10.38
C PRO B 104 -6.34 -6.17 9.85
N THR B 105 -6.05 -6.79 8.70
CA THR B 105 -4.81 -6.54 7.99
C THR B 105 -4.86 -5.26 7.15
N TYR B 106 -5.99 -4.54 7.20
CA TYR B 106 -6.16 -3.28 6.46
C TYR B 106 -5.92 -3.46 4.96
N PHE B 107 -6.35 -4.60 4.44
CA PHE B 107 -6.32 -4.90 3.02
C PHE B 107 -7.59 -5.63 2.64
N ASP B 108 -8.17 -5.25 1.50
CA ASP B 108 -9.41 -5.87 1.04
C ASP B 108 -9.51 -5.70 -0.46
N TYR B 109 -9.49 -6.81 -1.19
CA TYR B 109 -9.64 -6.79 -2.64
C TYR B 109 -11.07 -7.07 -3.09
N ASP B 110 -12.01 -7.14 -2.15
CA ASP B 110 -13.41 -7.40 -2.45
C ASP B 110 -14.31 -6.18 -2.28
N SER B 111 -14.12 -5.41 -1.21
CA SER B 111 -14.93 -4.22 -0.99
C SER B 111 -14.15 -3.05 -0.40
N ASP B 112 -12.85 -3.20 -0.16
CA ASP B 112 -12.01 -2.15 0.41
C ASP B 112 -12.54 -1.68 1.77
N ASN B 113 -13.20 -2.58 2.50
CA ASN B 113 -13.81 -2.29 3.80
C ASN B 113 -14.79 -1.13 3.72
N PHE B 114 -15.32 -0.84 2.53
CA PHE B 114 -16.21 0.29 2.31
C PHE B 114 -17.56 -0.23 1.84
N TYR B 115 -18.63 0.29 2.43
CA TYR B 115 -19.98 -0.16 2.14
C TYR B 115 -20.89 1.04 1.95
N TRP B 116 -21.80 0.93 0.98
CA TRP B 116 -22.74 1.98 0.64
C TRP B 116 -24.15 1.59 1.06
N GLY B 117 -25.11 2.48 0.79
CA GLY B 117 -26.50 2.24 1.03
C GLY B 117 -27.32 2.38 -0.25
N GLN B 118 -28.63 2.17 -0.10
CA GLN B 118 -29.53 2.27 -1.25
C GLN B 118 -29.67 3.72 -1.72
N GLY B 119 -30.01 4.61 -0.81
CA GLY B 119 -30.17 6.02 -1.14
C GLY B 119 -31.62 6.45 -1.01
N THR B 120 -31.81 7.67 -0.49
CA THR B 120 -33.13 8.24 -0.31
C THR B 120 -33.20 9.60 -1.02
N GLN B 121 -34.34 9.87 -1.65
CA GLN B 121 -34.51 11.11 -2.39
C GLN B 121 -34.86 12.25 -1.45
N VAL B 122 -34.25 13.41 -1.69
CA VAL B 122 -34.52 14.63 -0.93
C VAL B 122 -34.75 15.75 -1.95
N THR B 123 -35.98 16.24 -2.04
CA THR B 123 -36.34 17.28 -2.99
C THR B 123 -36.78 18.52 -2.24
N VAL B 124 -36.35 19.69 -2.75
CA VAL B 124 -36.67 20.98 -2.14
C VAL B 124 -37.16 21.90 -3.25
N SER B 125 -38.43 22.33 -3.15
CA SER B 125 -39.01 23.25 -4.10
C SER B 125 -38.76 24.68 -3.65
N SER B 126 -38.46 25.56 -4.61
CA SER B 126 -38.12 26.94 -4.28
C SER B 126 -39.33 27.72 -3.75
N LEU B 127 -40.53 27.38 -4.22
CA LEU B 127 -41.74 28.05 -3.75
C LEU B 127 -42.82 27.03 -3.41
N ARG C 2 33.84 -2.71 -22.54
CA ARG C 2 33.35 -3.80 -21.71
C ARG C 2 32.08 -4.39 -22.31
N VAL C 3 31.71 -5.59 -21.86
CA VAL C 3 30.56 -6.32 -22.39
C VAL C 3 29.64 -6.65 -21.23
N TYR C 4 28.50 -5.95 -21.15
CA TYR C 4 27.51 -6.19 -20.10
C TYR C 4 26.51 -7.22 -20.61
N LYS C 5 26.93 -8.49 -20.56
CA LYS C 5 26.15 -9.60 -21.09
C LYS C 5 25.16 -10.16 -20.09
N HIS C 6 24.74 -9.37 -19.10
CA HIS C 6 23.76 -9.81 -18.13
C HIS C 6 22.35 -9.37 -18.54
N PRO C 7 21.32 -10.12 -18.17
CA PRO C 7 19.95 -9.68 -18.47
C PRO C 7 19.55 -8.45 -17.67
N ALA C 8 19.83 -7.27 -18.23
CA ALA C 8 19.53 -5.97 -17.62
C ALA C 8 20.33 -5.74 -16.33
#